data_5J2B
#
_entry.id   5J2B
#
_cell.length_a   50.710
_cell.length_b   79.880
_cell.length_c   55.470
_cell.angle_alpha   90.000
_cell.angle_beta   107.580
_cell.angle_gamma   90.000
#
_symmetry.space_group_name_H-M   'P 1 21 1'
#
loop_
_entity.id
_entity.type
_entity.pdbx_description
1 polymer 'DNA polymerase beta'
2 polymer 'Template Strand'
3 polymer 'Primer Strand'
4 polymer 'Downstream Primer Strand'
5 non-polymer "2'-DEOXYURIDINE 5'-ALPHA,BETA-IMIDO-TRIPHOSPHATE"
6 non-polymer 'MAGNESIUM ION'
7 non-polymer 'SODIUM ION'
8 non-polymer 'CHLORIDE ION'
9 water water
#
loop_
_entity_poly.entity_id
_entity_poly.type
_entity_poly.pdbx_seq_one_letter_code
_entity_poly.pdbx_strand_id
1 'polypeptide(L)'
;MSKRKAPQETLNGGITDMLTELANFEKNVSQAIHKYNAYRKAASVIAKYPHKIKSGAEAKKLPGVGTKIAEKIDEFLATG
KLRKLEKIRQDDTSSSINFLTRVSGIGPSAARKFVDEGIKTLEDLRKNEDKLNHHQRIGLKYFGDFEKRIPREEMLQMQD
IVLNEVKKVDSEYIATVCGSFRRGAESSGDMDVLLTHPSFTSESTKQPKLLHQVVEQLQKVHFITDTLSKGETKFMGVCQ
LPSKNDEKEYPHRRIDIRLIPKDQYYCGVLYFTGSDIFNKNMRAHALEKGFTINEYTIRPLGVTGVAGEPLPVDSEKDIF
DYIQWKYREPKDRSE
;
A
2 'polydeoxyribonucleotide' (DC)(DC)(DG)(DA)(DC)(DA)(DA)(DC)(DG)(DC)(DA)(DT)(DC)(DA)(DG)(DC) T
3 'polydeoxyribonucleotide' (DG)(DC)(DT)(DG)(DA)(DT)(DG)(DC)(DG)(DG) P
4 'polydeoxyribonucleotide' (DG)(DT)(DC)(DG)(DG) D
#
loop_
_chem_comp.id
_chem_comp.type
_chem_comp.name
_chem_comp.formula
CL non-polymer 'CHLORIDE ION' 'Cl -1'
DA DNA linking 2'-DEOXYADENOSINE-5'-MONOPHOSPHATE 'C10 H14 N5 O6 P'
DC DNA linking 2'-DEOXYCYTIDINE-5'-MONOPHOSPHATE 'C9 H14 N3 O7 P'
DG DNA linking 2'-DEOXYGUANOSINE-5'-MONOPHOSPHATE 'C10 H14 N5 O7 P'
DT DNA linking THYMIDINE-5'-MONOPHOSPHATE 'C10 H15 N2 O8 P'
DUP non-polymer '2'-DEOXYURIDINE 5'-ALPHA,BETA-IMIDO-TRIPHOSPHATE' 'C9 H16 N3 O13 P3'
MG non-polymer 'MAGNESIUM ION' 'Mg 2'
NA non-polymer 'SODIUM ION' 'Na 1'
#
# COMPACT_ATOMS: atom_id res chain seq x y z
N THR A 10 -8.71 9.00 15.81
CA THR A 10 -8.23 7.99 16.79
C THR A 10 -9.03 7.98 18.09
N LEU A 11 -10.27 8.46 18.02
CA LEU A 11 -11.16 8.46 19.18
C LEU A 11 -11.28 7.05 19.69
N ASN A 12 -11.04 6.10 18.79
CA ASN A 12 -11.14 4.69 19.10
C ASN A 12 -9.82 4.03 18.72
N GLY A 13 -8.73 4.75 18.96
CA GLY A 13 -7.42 4.22 18.64
C GLY A 13 -7.19 2.86 19.27
N GLY A 14 -7.66 2.70 20.50
CA GLY A 14 -7.48 1.42 21.17
C GLY A 14 -8.16 0.30 20.40
N ILE A 15 -9.41 0.52 20.02
CA ILE A 15 -10.16 -0.47 19.29
C ILE A 15 -9.63 -0.79 17.91
N THR A 16 -9.23 0.24 17.15
CA THR A 16 -8.72 0.00 15.81
C THR A 16 -7.35 -0.67 15.78
N ASP A 17 -6.55 -0.50 16.84
CA ASP A 17 -5.25 -1.14 16.88
C ASP A 17 -5.44 -2.63 17.13
N MET A 18 -6.39 -2.93 18.01
CA MET A 18 -6.70 -4.31 18.36
C MET A 18 -7.08 -5.08 17.11
N LEU A 19 -7.92 -4.45 16.29
CA LEU A 19 -8.39 -5.08 15.08
C LEU A 19 -7.24 -5.24 14.09
N THR A 20 -6.35 -4.27 14.05
CA THR A 20 -5.25 -4.36 13.12
C THR A 20 -4.34 -5.51 13.54
N GLU A 21 -4.02 -5.58 14.82
CA GLU A 21 -3.17 -6.66 15.32
C GLU A 21 -3.86 -8.00 15.06
N LEU A 22 -5.18 -8.03 15.26
CA LEU A 22 -5.91 -9.25 15.01
C LEU A 22 -5.83 -9.58 13.53
N ALA A 23 -5.82 -8.54 12.69
CA ALA A 23 -5.75 -8.73 11.24
C ALA A 23 -4.38 -9.16 10.78
N ASN A 24 -3.33 -8.58 11.33
CA ASN A 24 -2.00 -9.00 10.91
C ASN A 24 -1.78 -10.46 11.31
N PHE A 25 -2.41 -10.89 12.39
CA PHE A 25 -2.27 -12.26 12.86
C PHE A 25 -2.94 -13.27 11.93
N GLU A 26 -4.16 -12.96 11.53
CA GLU A 26 -4.89 -13.86 10.64
C GLU A 26 -4.17 -13.96 9.30
N LYS A 27 -3.48 -12.88 8.93
CA LYS A 27 -2.77 -12.83 7.66
C LYS A 27 -1.41 -13.51 7.68
N ASN A 28 -0.57 -13.17 8.66
CA ASN A 28 0.76 -13.74 8.74
C ASN A 28 0.82 -15.15 9.29
N VAL A 29 0.06 -15.41 10.35
CA VAL A 29 0.08 -16.71 11.00
C VAL A 29 -0.97 -17.69 10.49
N SER A 30 -2.23 -17.27 10.39
CA SER A 30 -3.30 -18.16 9.92
C SER A 30 -3.32 -18.31 8.41
N GLN A 31 -2.69 -17.37 7.72
CA GLN A 31 -2.72 -17.38 6.26
C GLN A 31 -4.19 -17.47 5.85
N ALA A 32 -5.01 -16.66 6.52
CA ALA A 32 -6.45 -16.59 6.29
C ALA A 32 -6.72 -15.17 5.78
N ILE A 33 -6.28 -14.89 4.56
CA ILE A 33 -6.43 -13.55 3.99
C ILE A 33 -7.78 -12.87 4.13
N HIS A 34 -8.86 -13.62 4.09
CA HIS A 34 -10.17 -13.00 4.20
C HIS A 34 -10.45 -12.47 5.60
N LYS A 35 -10.07 -13.22 6.62
CA LYS A 35 -10.27 -12.73 7.98
C LYS A 35 -9.45 -11.46 8.09
N TYR A 36 -8.26 -11.50 7.49
CA TYR A 36 -7.37 -10.35 7.50
C TYR A 36 -8.07 -9.13 6.91
N ASN A 37 -8.73 -9.34 5.76
CA ASN A 37 -9.43 -8.24 5.13
C ASN A 37 -10.66 -7.83 5.90
N ALA A 38 -11.40 -8.79 6.45
CA ALA A 38 -12.57 -8.45 7.22
C ALA A 38 -12.16 -7.56 8.39
N TYR A 39 -11.14 -7.99 9.15
CA TYR A 39 -10.70 -7.19 10.29
C TYR A 39 -10.25 -5.80 9.90
N ARG A 40 -9.55 -5.68 8.79
CA ARG A 40 -9.09 -4.37 8.35
C ARG A 40 -10.25 -3.44 8.00
N LYS A 41 -11.31 -4.04 7.45
CA LYS A 41 -12.50 -3.28 7.05
C LYS A 41 -13.12 -2.65 8.29
N ALA A 42 -13.32 -3.47 9.32
CA ALA A 42 -13.91 -3.04 10.58
C ALA A 42 -13.09 -1.92 11.19
N ALA A 43 -11.78 -2.11 11.22
CA ALA A 43 -10.88 -1.12 11.78
C ALA A 43 -11.10 0.17 11.02
N SER A 44 -11.17 0.03 9.70
CA SER A 44 -11.36 1.17 8.81
C SER A 44 -12.64 1.96 9.09
N VAL A 45 -13.79 1.29 9.03
CA VAL A 45 -15.06 1.98 9.26
C VAL A 45 -15.13 2.59 10.66
N ILE A 46 -14.66 1.85 11.66
CA ILE A 46 -14.66 2.33 13.03
C ILE A 46 -13.73 3.53 13.18
N ALA A 47 -12.66 3.53 12.40
CA ALA A 47 -11.69 4.62 12.44
C ALA A 47 -12.29 5.98 12.05
N LYS A 48 -13.16 5.99 11.04
CA LYS A 48 -13.77 7.24 10.59
C LYS A 48 -15.03 7.59 11.39
N TYR A 49 -15.56 6.64 12.15
CA TYR A 49 -16.74 6.87 12.97
C TYR A 49 -16.44 8.09 13.85
N PRO A 50 -17.23 9.17 13.73
CA PRO A 50 -17.05 10.40 14.50
C PRO A 50 -17.49 10.36 15.96
N HIS A 51 -17.52 9.19 16.55
CA HIS A 51 -17.92 9.07 17.94
C HIS A 51 -17.03 8.10 18.69
N LYS A 52 -16.88 8.31 20.00
CA LYS A 52 -16.09 7.43 20.85
C LYS A 52 -17.01 6.26 21.21
N ILE A 53 -16.84 5.15 20.52
CA ILE A 53 -17.67 3.96 20.73
C ILE A 53 -17.77 3.55 22.19
N LYS A 54 -18.99 3.34 22.65
CA LYS A 54 -19.22 2.97 24.05
C LYS A 54 -19.56 1.48 24.21
N SER A 55 -19.71 0.76 23.10
CA SER A 55 -20.04 -0.66 23.20
C SER A 55 -20.07 -1.41 21.88
N GLY A 56 -19.98 -2.73 21.98
CA GLY A 56 -20.00 -3.58 20.81
C GLY A 56 -21.25 -3.30 20.00
N ALA A 57 -22.40 -3.28 20.67
CA ALA A 57 -23.67 -3.01 20.01
C ALA A 57 -23.55 -1.79 19.11
N GLU A 58 -23.13 -0.67 19.68
CA GLU A 58 -22.98 0.56 18.92
C GLU A 58 -22.07 0.31 17.72
N ALA A 59 -21.08 -0.56 17.89
CA ALA A 59 -20.15 -0.86 16.81
C ALA A 59 -20.79 -1.77 15.79
N LYS A 60 -21.52 -2.78 16.26
CA LYS A 60 -22.16 -3.72 15.36
C LYS A 60 -23.06 -2.99 14.37
N LYS A 61 -23.40 -1.74 14.68
CA LYS A 61 -24.23 -0.97 13.77
C LYS A 61 -23.44 -0.63 12.52
N LEU A 62 -22.21 -0.19 12.71
CA LEU A 62 -21.36 0.13 11.58
C LEU A 62 -21.25 -1.11 10.69
N PRO A 63 -21.32 -0.93 9.36
CA PRO A 63 -21.22 -2.05 8.43
C PRO A 63 -19.80 -2.57 8.37
N GLY A 64 -19.63 -3.87 8.54
CA GLY A 64 -18.31 -4.44 8.52
C GLY A 64 -18.04 -5.00 9.89
N VAL A 65 -18.81 -4.54 10.87
CA VAL A 65 -18.64 -5.04 12.23
C VAL A 65 -19.75 -6.03 12.54
N GLY A 66 -19.39 -7.30 12.64
CA GLY A 66 -20.35 -8.34 12.94
C GLY A 66 -20.49 -8.60 14.43
N THR A 67 -20.87 -9.82 14.77
CA THR A 67 -21.07 -10.22 16.15
C THR A 67 -19.78 -10.53 16.87
N LYS A 68 -18.88 -11.25 16.18
CA LYS A 68 -17.60 -11.60 16.78
C LYS A 68 -16.83 -10.35 17.16
N ILE A 69 -16.67 -9.43 16.22
CA ILE A 69 -15.95 -8.20 16.52
C ILE A 69 -16.67 -7.43 17.62
N ALA A 70 -17.99 -7.46 17.59
CA ALA A 70 -18.78 -6.76 18.60
C ALA A 70 -18.40 -7.24 20.01
N GLU A 71 -18.36 -8.55 20.21
CA GLU A 71 -18.00 -9.06 21.53
C GLU A 71 -16.60 -8.62 21.94
N LYS A 72 -15.63 -8.77 21.04
CA LYS A 72 -14.27 -8.39 21.35
C LYS A 72 -14.18 -6.94 21.80
N ILE A 73 -14.90 -6.05 21.13
CA ILE A 73 -14.89 -4.63 21.50
C ILE A 73 -15.43 -4.41 22.91
N ASP A 74 -16.47 -5.13 23.30
CA ASP A 74 -17.02 -4.98 24.64
C ASP A 74 -15.98 -5.45 25.66
N GLU A 75 -15.37 -6.60 25.38
CA GLU A 75 -14.36 -7.14 26.27
C GLU A 75 -13.23 -6.12 26.38
N PHE A 76 -12.82 -5.58 25.24
CA PHE A 76 -11.75 -4.60 25.23
C PHE A 76 -12.09 -3.34 26.01
N LEU A 77 -13.35 -2.94 25.97
CA LEU A 77 -13.77 -1.73 26.67
C LEU A 77 -13.85 -1.98 28.17
N ALA A 78 -14.10 -3.23 28.53
CA ALA A 78 -14.21 -3.62 29.93
C ALA A 78 -12.83 -3.78 30.58
N THR A 79 -12.06 -4.77 30.13
CA THR A 79 -10.74 -5.07 30.67
C THR A 79 -9.60 -4.18 30.19
N GLY A 80 -9.76 -3.57 29.02
CA GLY A 80 -8.71 -2.74 28.49
C GLY A 80 -7.78 -3.54 27.60
N LYS A 81 -8.16 -4.79 27.34
CA LYS A 81 -7.35 -5.64 26.49
C LYS A 81 -8.15 -6.84 25.99
N LEU A 82 -7.55 -7.59 25.08
CA LEU A 82 -8.21 -8.77 24.50
C LEU A 82 -7.40 -10.00 24.90
N ARG A 83 -8.09 -10.98 25.48
CA ARG A 83 -7.42 -12.20 25.92
C ARG A 83 -6.81 -12.96 24.76
N LYS A 84 -7.56 -13.10 23.69
CA LYS A 84 -7.09 -13.80 22.51
C LYS A 84 -5.77 -13.22 22.00
N LEU A 85 -5.58 -11.91 22.16
CA LEU A 85 -4.35 -11.28 21.71
C LEU A 85 -3.22 -11.47 22.73
N GLU A 86 -3.58 -11.48 24.01
CA GLU A 86 -2.60 -11.67 25.09
C GLU A 86 -1.93 -13.02 24.90
N LYS A 87 -2.72 -14.00 24.45
CA LYS A 87 -2.20 -15.33 24.24
C LYS A 87 -1.33 -15.34 22.99
N ILE A 88 -1.85 -14.77 21.90
CA ILE A 88 -1.11 -14.70 20.65
C ILE A 88 0.26 -14.09 20.87
N ARG A 89 0.32 -13.08 21.73
CA ARG A 89 1.59 -12.43 22.02
C ARG A 89 2.59 -13.35 22.70
N GLN A 90 2.10 -14.31 23.48
CA GLN A 90 2.96 -15.21 24.22
C GLN A 90 3.46 -16.41 23.43
N ASP A 91 2.70 -16.82 22.42
CA ASP A 91 3.11 -17.95 21.59
C ASP A 91 4.33 -17.55 20.75
N ASP A 92 5.43 -18.27 20.94
CA ASP A 92 6.67 -17.98 20.24
C ASP A 92 6.63 -18.12 18.72
N THR A 93 5.93 -19.13 18.23
CA THR A 93 5.85 -19.33 16.79
C THR A 93 5.19 -18.11 16.15
N SER A 94 4.05 -17.72 16.69
CA SER A 94 3.33 -16.58 16.17
C SER A 94 4.15 -15.29 16.23
N SER A 95 4.92 -15.10 17.30
CA SER A 95 5.72 -13.89 17.41
C SER A 95 6.86 -13.87 16.43
N SER A 96 7.41 -15.05 16.12
CA SER A 96 8.51 -15.16 15.15
C SER A 96 7.99 -14.83 13.74
N ILE A 97 6.93 -15.53 13.34
CA ILE A 97 6.32 -15.31 12.05
C ILE A 97 5.97 -13.82 11.90
N ASN A 98 5.22 -13.29 12.87
CA ASN A 98 4.86 -11.88 12.79
C ASN A 98 6.09 -11.01 12.59
N PHE A 99 7.17 -11.30 13.32
CA PHE A 99 8.38 -10.49 13.16
C PHE A 99 8.99 -10.60 11.75
N LEU A 100 9.36 -11.81 11.35
CA LEU A 100 9.98 -12.01 10.04
C LEU A 100 9.21 -11.31 8.91
N THR A 101 7.88 -11.40 8.94
CA THR A 101 7.06 -10.79 7.89
C THR A 101 7.26 -9.28 7.78
N ARG A 102 7.87 -8.68 8.79
CA ARG A 102 8.13 -7.25 8.76
C ARG A 102 9.25 -6.91 7.78
N VAL A 103 10.03 -7.91 7.39
CA VAL A 103 11.10 -7.68 6.44
C VAL A 103 10.48 -7.68 5.05
N SER A 104 10.73 -6.63 4.27
CA SER A 104 10.17 -6.57 2.93
C SER A 104 10.67 -7.73 2.09
N GLY A 105 9.75 -8.47 1.48
CA GLY A 105 10.17 -9.59 0.66
C GLY A 105 9.80 -10.90 1.32
N ILE A 106 9.58 -10.86 2.62
CA ILE A 106 9.20 -12.05 3.37
C ILE A 106 7.71 -11.96 3.70
N GLY A 107 6.95 -12.98 3.32
CA GLY A 107 5.54 -12.98 3.61
C GLY A 107 5.23 -14.13 4.55
N PRO A 108 3.94 -14.42 4.80
CA PRO A 108 3.50 -15.51 5.67
C PRO A 108 4.18 -16.85 5.40
N SER A 109 4.29 -17.22 4.12
CA SER A 109 4.89 -18.49 3.74
C SER A 109 6.38 -18.58 4.06
N ALA A 110 7.17 -17.71 3.43
CA ALA A 110 8.60 -17.71 3.67
C ALA A 110 8.89 -17.51 5.16
N ALA A 111 8.02 -16.78 5.84
CA ALA A 111 8.20 -16.51 7.27
C ALA A 111 8.06 -17.79 8.09
N ARG A 112 7.06 -18.58 7.77
CA ARG A 112 6.85 -19.83 8.49
C ARG A 112 7.96 -20.82 8.10
N LYS A 113 8.38 -20.75 6.84
CA LYS A 113 9.43 -21.62 6.34
C LYS A 113 10.72 -21.41 7.15
N PHE A 114 11.14 -20.16 7.27
CA PHE A 114 12.35 -19.84 8.03
C PHE A 114 12.30 -20.37 9.45
N VAL A 115 11.21 -20.11 10.17
CA VAL A 115 11.07 -20.59 11.54
C VAL A 115 11.34 -22.08 11.65
N ASP A 116 10.82 -22.86 10.71
CA ASP A 116 11.03 -24.30 10.73
C ASP A 116 12.53 -24.57 10.70
N GLU A 117 13.21 -23.89 9.79
CA GLU A 117 14.64 -24.04 9.64
C GLU A 117 15.35 -23.61 10.91
N GLY A 118 14.67 -22.79 11.71
CA GLY A 118 15.27 -22.31 12.94
C GLY A 118 15.77 -20.88 12.83
N ILE A 119 15.41 -20.22 11.73
CA ILE A 119 15.79 -18.84 11.51
C ILE A 119 14.61 -18.00 11.99
N LYS A 120 14.70 -17.45 13.20
CA LYS A 120 13.59 -16.69 13.74
C LYS A 120 13.88 -15.34 14.39
N THR A 121 15.09 -14.82 14.23
CA THR A 121 15.43 -13.51 14.79
C THR A 121 16.30 -12.73 13.83
N LEU A 122 16.29 -11.41 13.99
CA LEU A 122 17.09 -10.52 13.14
C LEU A 122 18.53 -11.02 13.01
N GLU A 123 19.09 -11.51 14.11
CA GLU A 123 20.45 -12.05 14.10
C GLU A 123 20.51 -13.24 13.14
N ASP A 124 19.49 -14.10 13.20
CA ASP A 124 19.43 -15.26 12.34
C ASP A 124 19.43 -14.88 10.87
N LEU A 125 18.56 -13.95 10.49
CA LEU A 125 18.49 -13.53 9.10
C LEU A 125 19.82 -12.98 8.64
N ARG A 126 20.49 -12.27 9.53
CA ARG A 126 21.77 -11.68 9.18
C ARG A 126 22.85 -12.71 8.90
N LYS A 127 22.89 -13.79 9.67
CA LYS A 127 23.88 -14.84 9.48
C LYS A 127 23.38 -15.90 8.51
N ASN A 128 22.38 -15.55 7.71
CA ASN A 128 21.82 -16.48 6.74
C ASN A 128 21.40 -15.81 5.46
N GLU A 129 22.09 -14.72 5.12
CA GLU A 129 21.80 -13.95 3.93
C GLU A 129 21.79 -14.81 2.67
N ASP A 130 22.53 -15.91 2.69
CA ASP A 130 22.60 -16.82 1.56
C ASP A 130 21.29 -17.60 1.38
N LYS A 131 20.35 -17.41 2.29
CA LYS A 131 19.09 -18.11 2.18
C LYS A 131 17.92 -17.20 1.81
N LEU A 132 18.23 -15.96 1.43
CA LEU A 132 17.21 -14.98 1.05
C LEU A 132 17.29 -14.64 -0.44
N ASN A 133 16.16 -14.38 -1.08
CA ASN A 133 16.23 -13.96 -2.48
C ASN A 133 16.69 -12.50 -2.46
N HIS A 134 16.83 -11.91 -3.64
CA HIS A 134 17.30 -10.54 -3.73
C HIS A 134 16.52 -9.49 -2.92
N HIS A 135 15.21 -9.46 -3.12
CA HIS A 135 14.33 -8.53 -2.43
C HIS A 135 14.51 -8.65 -0.91
N GLN A 136 14.37 -9.87 -0.39
CA GLN A 136 14.51 -10.14 1.02
C GLN A 136 15.83 -9.62 1.56
N ARG A 137 16.88 -9.78 0.79
CA ARG A 137 18.20 -9.33 1.20
C ARG A 137 18.20 -7.81 1.37
N ILE A 138 17.61 -7.09 0.41
CA ILE A 138 17.58 -5.64 0.51
C ILE A 138 16.64 -5.22 1.64
N GLY A 139 15.56 -5.98 1.81
CA GLY A 139 14.62 -5.69 2.86
C GLY A 139 15.28 -5.83 4.22
N LEU A 140 16.25 -6.73 4.31
CA LEU A 140 16.97 -6.96 5.56
C LEU A 140 17.93 -5.78 5.77
N LYS A 141 18.70 -5.47 4.72
CA LYS A 141 19.66 -4.38 4.75
C LYS A 141 19.04 -3.06 5.27
N TYR A 142 17.84 -2.74 4.82
CA TYR A 142 17.20 -1.50 5.26
C TYR A 142 16.08 -1.77 6.27
N PHE A 143 16.20 -2.84 7.04
CA PHE A 143 15.17 -3.19 8.01
C PHE A 143 14.69 -2.03 8.88
N GLY A 144 15.61 -1.34 9.52
CA GLY A 144 15.22 -0.24 10.36
C GLY A 144 14.58 0.90 9.59
N ASP A 145 15.33 1.43 8.62
CA ASP A 145 14.88 2.53 7.77
C ASP A 145 13.45 2.37 7.27
N PHE A 146 13.15 1.22 6.68
CA PHE A 146 11.82 1.00 6.15
C PHE A 146 10.71 1.07 7.18
N GLU A 147 11.07 1.04 8.46
CA GLU A 147 10.08 1.13 9.53
C GLU A 147 9.78 2.59 9.86
N LYS A 148 10.60 3.48 9.32
CA LYS A 148 10.43 4.92 9.56
C LYS A 148 9.49 5.60 8.57
N ARG A 149 8.61 6.45 9.08
CA ARG A 149 7.68 7.21 8.24
C ARG A 149 8.44 8.32 7.55
N ILE A 150 7.92 8.83 6.44
CA ILE A 150 8.58 9.91 5.74
C ILE A 150 7.81 11.20 5.97
N PRO A 151 8.47 12.25 6.49
CA PRO A 151 7.77 13.52 6.74
C PRO A 151 7.43 14.16 5.40
N ARG A 152 6.21 14.68 5.30
CA ARG A 152 5.78 15.31 4.05
C ARG A 152 6.83 16.24 3.45
N GLU A 153 7.52 16.98 4.30
CA GLU A 153 8.55 17.89 3.81
C GLU A 153 9.58 17.13 3.01
N GLU A 154 10.04 15.98 3.52
CA GLU A 154 11.02 15.16 2.81
C GLU A 154 10.39 14.66 1.52
N MET A 155 9.08 14.41 1.55
CA MET A 155 8.37 13.94 0.38
C MET A 155 8.45 15.02 -0.68
N LEU A 156 8.14 16.26 -0.30
CA LEU A 156 8.18 17.37 -1.24
C LEU A 156 9.56 17.51 -1.86
N GLN A 157 10.57 17.27 -1.06
CA GLN A 157 11.96 17.35 -1.49
C GLN A 157 12.27 16.24 -2.48
N MET A 158 11.72 15.05 -2.23
CA MET A 158 11.97 13.92 -3.10
C MET A 158 11.25 14.14 -4.43
N GLN A 159 10.04 14.71 -4.33
CA GLN A 159 9.20 14.98 -5.48
C GLN A 159 9.93 15.85 -6.50
N ASP A 160 10.62 16.88 -6.01
CA ASP A 160 11.35 17.78 -6.91
C ASP A 160 12.41 17.03 -7.69
N ILE A 161 13.20 16.22 -6.99
CA ILE A 161 14.24 15.46 -7.67
C ILE A 161 13.59 14.59 -8.74
N VAL A 162 12.65 13.74 -8.35
CA VAL A 162 12.00 12.84 -9.29
C VAL A 162 11.38 13.55 -10.49
N LEU A 163 10.70 14.67 -10.26
CA LEU A 163 10.08 15.39 -11.37
C LEU A 163 11.11 16.11 -12.24
N ASN A 164 12.16 16.63 -11.61
CA ASN A 164 13.18 17.33 -12.37
C ASN A 164 14.07 16.36 -13.13
N GLU A 165 14.37 15.23 -12.52
CA GLU A 165 15.22 14.25 -13.17
C GLU A 165 14.49 13.66 -14.36
N VAL A 166 13.20 13.42 -14.18
CA VAL A 166 12.37 12.86 -15.22
C VAL A 166 12.28 13.89 -16.35
N LYS A 167 11.99 15.13 -16.00
CA LYS A 167 11.89 16.20 -16.98
C LYS A 167 13.14 16.21 -17.84
N LYS A 168 14.28 15.87 -17.22
CA LYS A 168 15.57 15.86 -17.91
C LYS A 168 15.69 14.76 -18.96
N VAL A 169 15.20 13.57 -18.65
CA VAL A 169 15.28 12.43 -19.55
C VAL A 169 14.45 12.69 -20.81
N ASP A 170 13.28 13.26 -20.59
CA ASP A 170 12.37 13.60 -21.69
C ASP A 170 11.32 14.57 -21.17
N SER A 171 11.27 15.75 -21.78
CA SER A 171 10.34 16.78 -21.36
C SER A 171 8.89 16.35 -21.49
N GLU A 172 8.62 15.27 -22.21
CA GLU A 172 7.25 14.81 -22.38
C GLU A 172 6.79 13.78 -21.36
N TYR A 173 7.67 13.49 -20.40
CA TYR A 173 7.33 12.54 -19.35
C TYR A 173 6.48 13.29 -18.33
N ILE A 174 5.50 12.60 -17.75
CA ILE A 174 4.69 13.24 -16.71
C ILE A 174 4.73 12.34 -15.48
N ALA A 175 5.28 12.88 -14.40
CA ALA A 175 5.40 12.15 -13.16
C ALA A 175 4.54 12.78 -12.08
N THR A 176 3.60 11.99 -11.56
CA THR A 176 2.68 12.44 -10.51
C THR A 176 2.87 11.59 -9.25
N VAL A 177 3.05 12.22 -8.08
CA VAL A 177 3.21 11.45 -6.85
C VAL A 177 1.85 11.13 -6.28
N CYS A 178 1.56 9.84 -6.13
CA CYS A 178 0.26 9.45 -5.60
C CYS A 178 0.35 8.88 -4.19
N GLY A 179 -0.38 7.81 -3.94
CA GLY A 179 -0.36 7.22 -2.61
C GLY A 179 -0.86 8.19 -1.55
N SER A 180 -0.49 7.93 -0.31
CA SER A 180 -0.89 8.79 0.80
C SER A 180 -0.41 10.23 0.62
N PHE A 181 0.61 10.45 -0.20
CA PHE A 181 1.09 11.81 -0.42
C PHE A 181 0.00 12.63 -1.09
N ARG A 182 -0.60 12.07 -2.14
CA ARG A 182 -1.65 12.75 -2.88
C ARG A 182 -2.92 12.95 -2.03
N ARG A 183 -3.14 12.04 -1.08
CA ARG A 183 -4.28 12.14 -0.18
C ARG A 183 -3.98 13.21 0.87
N GLY A 184 -2.80 13.82 0.76
CA GLY A 184 -2.41 14.88 1.67
C GLY A 184 -1.88 14.52 3.06
N ALA A 185 -1.46 13.28 3.25
CA ALA A 185 -0.95 12.84 4.54
C ALA A 185 0.28 13.65 4.98
N GLU A 186 0.44 13.83 6.29
CA GLU A 186 1.58 14.57 6.81
C GLU A 186 2.83 13.71 6.89
N SER A 187 2.66 12.42 6.60
CA SER A 187 3.78 11.49 6.58
C SER A 187 3.37 10.31 5.74
N SER A 188 4.34 9.66 5.10
CA SER A 188 4.05 8.52 4.26
C SER A 188 4.99 7.36 4.52
N GLY A 189 4.48 6.15 4.34
CA GLY A 189 5.30 4.97 4.56
C GLY A 189 6.31 4.85 3.44
N ASP A 190 5.96 5.38 2.27
CA ASP A 190 6.82 5.32 1.10
C ASP A 190 6.37 6.35 0.06
N MET A 191 7.12 6.42 -1.04
CA MET A 191 6.80 7.34 -2.14
C MET A 191 6.28 6.57 -3.36
N ASP A 192 5.11 6.98 -3.84
CA ASP A 192 4.50 6.33 -4.99
C ASP A 192 4.44 7.28 -6.19
N VAL A 193 5.00 6.83 -7.31
CA VAL A 193 5.06 7.65 -8.52
C VAL A 193 4.41 7.04 -9.74
N LEU A 194 3.39 7.73 -10.25
CA LEU A 194 2.69 7.29 -11.45
C LEU A 194 3.39 8.02 -12.59
N LEU A 195 3.84 7.25 -13.57
CA LEU A 195 4.55 7.82 -14.70
C LEU A 195 3.88 7.56 -16.04
N THR A 196 3.79 8.59 -16.87
CA THR A 196 3.21 8.48 -18.20
C THR A 196 4.07 9.17 -19.25
N HIS A 197 3.95 8.70 -20.48
CA HIS A 197 4.68 9.26 -21.60
C HIS A 197 3.85 9.02 -22.87
N PRO A 198 3.70 10.04 -23.71
CA PRO A 198 2.91 9.94 -24.94
C PRO A 198 3.16 8.72 -25.84
N SER A 199 4.39 8.19 -25.84
CA SER A 199 4.72 7.04 -26.67
C SER A 199 4.05 5.75 -26.22
N PHE A 200 3.74 5.64 -24.93
CA PHE A 200 3.09 4.44 -24.41
C PHE A 200 1.60 4.63 -24.14
N THR A 201 0.77 4.18 -25.07
CA THR A 201 -0.67 4.29 -24.91
C THR A 201 -1.31 2.92 -24.99
N SER A 202 -2.56 2.81 -24.56
CA SER A 202 -3.26 1.53 -24.58
C SER A 202 -3.26 0.98 -25.99
N GLU A 203 -3.03 1.87 -26.95
CA GLU A 203 -3.04 1.50 -28.35
C GLU A 203 -1.69 0.95 -28.83
N SER A 204 -0.59 1.58 -28.41
CA SER A 204 0.72 1.12 -28.86
C SER A 204 1.90 1.58 -28.01
N THR A 205 2.98 0.81 -28.07
CA THR A 205 4.21 1.14 -27.34
C THR A 205 5.24 1.50 -28.40
N LYS A 206 5.30 2.79 -28.73
CA LYS A 206 6.20 3.30 -29.75
C LYS A 206 7.63 3.50 -29.25
N GLN A 207 7.81 3.43 -27.93
CA GLN A 207 9.14 3.60 -27.35
C GLN A 207 9.40 2.54 -26.29
N PRO A 208 10.51 1.80 -26.41
CA PRO A 208 10.81 0.79 -25.41
C PRO A 208 11.60 1.40 -24.26
N LYS A 209 11.78 0.64 -23.19
CA LYS A 209 12.54 1.09 -22.02
C LYS A 209 12.13 2.42 -21.39
N LEU A 210 10.87 2.81 -21.58
CA LEU A 210 10.39 4.06 -21.02
C LEU A 210 10.57 4.13 -19.51
N LEU A 211 10.36 3.02 -18.83
CA LEU A 211 10.54 2.99 -17.39
C LEU A 211 12.03 2.86 -17.09
N HIS A 212 12.70 1.99 -17.82
CA HIS A 212 14.13 1.79 -17.62
C HIS A 212 14.92 3.10 -17.64
N GLN A 213 14.71 3.91 -18.68
CA GLN A 213 15.43 5.17 -18.81
C GLN A 213 15.34 6.02 -17.55
N VAL A 214 14.12 6.18 -17.03
CA VAL A 214 13.92 6.99 -15.84
C VAL A 214 14.67 6.41 -14.65
N VAL A 215 14.51 5.11 -14.42
CA VAL A 215 15.19 4.45 -13.32
C VAL A 215 16.68 4.69 -13.45
N GLU A 216 17.17 4.61 -14.68
CA GLU A 216 18.58 4.79 -15.01
C GLU A 216 19.07 6.20 -14.66
N GLN A 217 18.22 7.20 -14.88
CA GLN A 217 18.54 8.60 -14.59
C GLN A 217 18.52 8.84 -13.08
N LEU A 218 17.57 8.19 -12.40
CA LEU A 218 17.45 8.34 -10.96
C LEU A 218 18.64 7.67 -10.27
N GLN A 219 19.25 6.71 -10.96
CA GLN A 219 20.41 6.03 -10.42
C GLN A 219 21.68 6.84 -10.62
N LYS A 220 21.86 7.42 -11.81
CA LYS A 220 23.05 8.22 -12.04
C LYS A 220 23.24 9.29 -10.99
N VAL A 221 22.13 9.90 -10.54
CA VAL A 221 22.17 10.95 -9.55
C VAL A 221 22.18 10.40 -8.12
N HIS A 222 22.29 9.10 -8.02
CA HIS A 222 22.33 8.41 -6.73
C HIS A 222 21.12 8.64 -5.87
N PHE A 223 19.96 8.81 -6.52
CA PHE A 223 18.74 8.97 -5.76
C PHE A 223 18.22 7.57 -5.53
N ILE A 224 18.23 6.74 -6.57
CA ILE A 224 17.81 5.35 -6.44
C ILE A 224 19.06 4.58 -6.12
N THR A 225 19.00 3.81 -5.03
CA THR A 225 20.14 3.04 -4.56
C THR A 225 20.00 1.54 -4.71
N ASP A 226 18.78 1.02 -4.68
CA ASP A 226 18.60 -0.42 -4.79
C ASP A 226 17.32 -0.79 -5.53
N THR A 227 17.26 -2.02 -6.02
CA THR A 227 16.10 -2.49 -6.77
C THR A 227 15.48 -3.76 -6.22
N LEU A 228 14.23 -3.69 -5.80
CA LEU A 228 13.53 -4.86 -5.28
C LEU A 228 13.02 -5.71 -6.44
N SER A 229 12.43 -5.07 -7.43
CA SER A 229 11.92 -5.76 -8.62
C SER A 229 11.72 -4.73 -9.73
N LYS A 230 11.93 -5.16 -10.96
CA LYS A 230 11.81 -4.23 -12.06
C LYS A 230 11.35 -4.88 -13.36
N GLY A 231 10.19 -4.42 -13.83
CA GLY A 231 9.63 -4.90 -15.08
C GLY A 231 9.41 -3.73 -16.02
N GLU A 232 8.79 -3.96 -17.16
CA GLU A 232 8.55 -2.88 -18.12
C GLU A 232 7.60 -1.78 -17.65
N THR A 233 6.78 -2.04 -16.64
CA THR A 233 5.85 -1.02 -16.16
C THR A 233 5.84 -0.79 -14.64
N LYS A 234 6.37 -1.73 -13.87
CA LYS A 234 6.41 -1.54 -12.43
C LYS A 234 7.81 -1.71 -11.87
N PHE A 235 8.28 -0.67 -11.20
CA PHE A 235 9.59 -0.67 -10.57
C PHE A 235 9.36 -0.60 -9.06
N MET A 236 10.06 -1.45 -8.32
CA MET A 236 9.95 -1.49 -6.87
C MET A 236 11.38 -1.36 -6.32
N GLY A 237 11.69 -0.25 -5.65
CA GLY A 237 13.04 -0.08 -5.14
C GLY A 237 13.28 0.83 -3.95
N VAL A 238 14.50 1.36 -3.86
CA VAL A 238 14.91 2.22 -2.76
C VAL A 238 15.52 3.55 -3.22
N CYS A 239 15.34 4.58 -2.40
CA CYS A 239 15.89 5.90 -2.72
C CYS A 239 16.32 6.62 -1.45
N GLN A 240 17.09 7.68 -1.61
CA GLN A 240 17.58 8.44 -0.47
C GLN A 240 17.88 9.89 -0.83
N LEU A 241 17.29 10.81 -0.08
CA LEU A 241 17.55 12.23 -0.30
C LEU A 241 19.04 12.48 -0.03
N PRO A 242 19.66 13.39 -0.79
CA PRO A 242 21.08 13.68 -0.58
C PRO A 242 21.22 14.55 0.67
N SER A 243 22.31 14.34 1.41
CA SER A 243 22.55 15.10 2.64
C SER A 243 23.68 16.10 2.44
N LYS A 244 23.69 17.15 3.27
CA LYS A 244 24.73 18.18 3.18
C LYS A 244 26.00 17.86 3.98
N ASN A 245 27.04 18.66 3.79
CA ASN A 245 28.31 18.47 4.49
C ASN A 245 28.15 18.36 6.00
N ASP A 246 28.63 17.24 6.55
CA ASP A 246 28.59 16.96 7.98
C ASP A 246 27.22 16.51 8.45
N GLU A 247 26.19 16.75 7.64
CA GLU A 247 24.85 16.35 8.02
C GLU A 247 24.70 14.85 8.03
N LYS A 248 24.07 14.32 9.08
CA LYS A 248 23.84 12.89 9.17
C LYS A 248 22.85 12.53 8.06
N GLU A 249 23.11 11.43 7.36
CA GLU A 249 22.28 10.98 6.26
C GLU A 249 20.82 10.62 6.51
N TYR A 250 19.99 10.93 5.52
CA TYR A 250 18.56 10.63 5.55
C TYR A 250 18.44 9.12 5.43
N PRO A 251 17.40 8.52 6.04
CA PRO A 251 17.22 7.07 5.96
C PRO A 251 16.89 6.67 4.52
N HIS A 252 17.06 5.40 4.20
CA HIS A 252 16.72 4.94 2.86
C HIS A 252 15.21 4.72 2.78
N ARG A 253 14.59 5.20 1.70
CA ARG A 253 13.14 5.09 1.54
C ARG A 253 12.70 4.22 0.38
N ARG A 254 11.54 3.59 0.56
CA ARG A 254 10.98 2.73 -0.46
C ARG A 254 10.38 3.60 -1.53
N ILE A 255 10.55 3.20 -2.79
CA ILE A 255 10.00 3.97 -3.90
C ILE A 255 9.34 3.03 -4.91
N ASP A 256 8.12 3.38 -5.31
CA ASP A 256 7.36 2.61 -6.27
C ASP A 256 7.05 3.50 -7.48
N ILE A 257 7.36 2.99 -8.67
CA ILE A 257 7.09 3.74 -9.89
C ILE A 257 6.28 2.86 -10.83
N ARG A 258 5.15 3.38 -11.29
CA ARG A 258 4.26 2.62 -12.16
C ARG A 258 4.00 3.31 -13.51
N LEU A 259 4.51 2.71 -14.59
CA LEU A 259 4.32 3.26 -15.94
C LEU A 259 2.96 2.85 -16.48
N ILE A 260 2.12 3.83 -16.77
CA ILE A 260 0.78 3.54 -17.27
C ILE A 260 0.49 4.26 -18.59
N PRO A 261 -0.30 3.62 -19.46
CA PRO A 261 -0.64 4.22 -20.74
C PRO A 261 -1.35 5.55 -20.53
N LYS A 262 -0.78 6.62 -21.09
CA LYS A 262 -1.33 7.96 -20.96
C LYS A 262 -2.84 8.06 -21.11
N ASP A 263 -3.42 7.42 -22.11
CA ASP A 263 -4.87 7.50 -22.29
C ASP A 263 -5.64 6.84 -21.14
N GLN A 264 -4.92 6.22 -20.21
CA GLN A 264 -5.57 5.57 -19.08
C GLN A 264 -5.15 6.20 -17.76
N TYR A 265 -4.69 7.44 -17.85
CA TYR A 265 -4.21 8.19 -16.69
C TYR A 265 -5.14 8.27 -15.47
N TYR A 266 -6.40 8.66 -15.69
CA TYR A 266 -7.35 8.82 -14.60
C TYR A 266 -7.66 7.52 -13.86
N CYS A 267 -7.79 6.42 -14.59
CA CYS A 267 -8.04 5.16 -13.93
C CYS A 267 -6.76 4.84 -13.16
N GLY A 268 -5.63 5.17 -13.75
CA GLY A 268 -4.36 4.91 -13.11
C GLY A 268 -4.12 5.75 -11.87
N VAL A 269 -4.42 7.04 -11.96
CA VAL A 269 -4.21 7.93 -10.82
C VAL A 269 -5.23 7.65 -9.70
N LEU A 270 -6.42 7.18 -10.08
CA LEU A 270 -7.44 6.86 -9.10
C LEU A 270 -6.89 5.75 -8.22
N TYR A 271 -6.56 4.65 -8.87
CA TYR A 271 -5.99 3.47 -8.27
C TYR A 271 -4.75 3.72 -7.41
N PHE A 272 -3.75 4.36 -8.00
CA PHE A 272 -2.50 4.63 -7.30
C PHE A 272 -2.62 5.65 -6.17
N THR A 273 -3.74 6.35 -6.11
CA THR A 273 -3.95 7.34 -5.05
C THR A 273 -4.53 6.68 -3.82
N GLY A 274 -5.16 5.53 -4.01
CA GLY A 274 -5.72 4.78 -2.92
C GLY A 274 -6.76 5.48 -2.08
N SER A 275 -6.91 5.05 -0.83
CA SER A 275 -6.10 3.96 -0.26
C SER A 275 -6.49 2.57 -0.76
N ASP A 276 -5.73 1.56 -0.34
CA ASP A 276 -6.02 0.21 -0.73
C ASP A 276 -7.46 -0.15 -0.33
N ILE A 277 -7.84 0.19 0.91
CA ILE A 277 -9.19 -0.11 1.37
C ILE A 277 -10.23 0.71 0.61
N PHE A 278 -9.90 1.93 0.23
CA PHE A 278 -10.84 2.75 -0.51
C PHE A 278 -11.01 2.09 -1.85
N ASN A 279 -9.90 1.67 -2.45
CA ASN A 279 -9.97 1.00 -3.74
C ASN A 279 -10.84 -0.25 -3.61
N LYS A 280 -10.58 -1.05 -2.59
CA LYS A 280 -11.35 -2.27 -2.39
C LYS A 280 -12.84 -1.96 -2.32
N ASN A 281 -13.21 -0.95 -1.53
CA ASN A 281 -14.60 -0.59 -1.40
C ASN A 281 -15.21 -0.01 -2.66
N MET A 282 -14.50 0.87 -3.33
CA MET A 282 -15.01 1.48 -4.56
C MET A 282 -15.17 0.43 -5.67
N ARG A 283 -14.22 -0.51 -5.73
CA ARG A 283 -14.27 -1.56 -6.74
C ARG A 283 -15.41 -2.52 -6.42
N ALA A 284 -15.59 -2.84 -5.14
CA ALA A 284 -16.65 -3.72 -4.71
C ALA A 284 -17.99 -3.11 -5.11
N HIS A 285 -18.20 -1.84 -4.74
CA HIS A 285 -19.42 -1.11 -5.07
C HIS A 285 -19.60 -1.13 -6.57
N ALA A 286 -18.52 -0.84 -7.28
CA ALA A 286 -18.51 -0.83 -8.74
C ALA A 286 -19.18 -2.10 -9.27
N LEU A 287 -18.69 -3.26 -8.83
CA LEU A 287 -19.26 -4.53 -9.26
C LEU A 287 -20.75 -4.55 -8.97
N GLU A 288 -21.13 -4.20 -7.74
CA GLU A 288 -22.53 -4.17 -7.34
C GLU A 288 -23.34 -3.30 -8.29
N LYS A 289 -22.71 -2.28 -8.86
CA LYS A 289 -23.40 -1.41 -9.80
C LYS A 289 -23.33 -2.03 -11.19
N GLY A 290 -22.50 -3.06 -11.32
CA GLY A 290 -22.36 -3.74 -12.60
C GLY A 290 -21.16 -3.30 -13.43
N PHE A 291 -20.05 -2.96 -12.78
CA PHE A 291 -18.86 -2.55 -13.49
C PHE A 291 -17.63 -3.16 -12.85
N THR A 292 -16.52 -3.15 -13.59
CA THR A 292 -15.27 -3.66 -13.07
C THR A 292 -14.25 -2.56 -13.23
N ILE A 293 -13.50 -2.30 -12.17
CA ILE A 293 -12.48 -1.26 -12.18
C ILE A 293 -11.09 -1.74 -11.82
N ASN A 294 -10.13 -1.37 -12.66
CA ASN A 294 -8.72 -1.69 -12.42
C ASN A 294 -7.92 -0.42 -12.66
N GLU A 295 -6.61 -0.51 -12.65
CA GLU A 295 -5.76 0.65 -12.83
C GLU A 295 -5.80 1.19 -14.24
N TYR A 296 -6.34 0.41 -15.17
CA TYR A 296 -6.37 0.79 -16.56
C TYR A 296 -7.71 1.33 -17.05
N THR A 297 -8.79 0.68 -16.65
CA THR A 297 -10.12 1.08 -17.09
C THR A 297 -11.25 0.64 -16.18
N ILE A 298 -12.45 1.03 -16.56
CA ILE A 298 -13.66 0.66 -15.85
C ILE A 298 -14.50 0.13 -17.00
N ARG A 299 -15.08 -1.05 -16.80
CA ARG A 299 -15.89 -1.65 -17.85
C ARG A 299 -17.20 -2.17 -17.28
N PRO A 300 -18.17 -2.42 -18.16
CA PRO A 300 -19.47 -2.93 -17.73
C PRO A 300 -19.44 -4.44 -17.55
N LEU A 301 -20.54 -4.99 -17.04
CA LEU A 301 -20.65 -6.42 -16.81
C LEU A 301 -21.98 -7.00 -17.30
N GLY A 302 -21.91 -7.92 -18.26
CA GLY A 302 -23.10 -8.57 -18.76
C GLY A 302 -23.40 -9.76 -17.86
N VAL A 303 -24.65 -10.23 -17.87
CA VAL A 303 -25.05 -11.36 -17.04
C VAL A 303 -23.99 -12.45 -17.05
N THR A 304 -23.49 -12.75 -18.25
CA THR A 304 -22.46 -13.77 -18.44
C THR A 304 -21.33 -13.62 -17.41
N GLY A 305 -20.87 -12.38 -17.23
CA GLY A 305 -19.79 -12.12 -16.30
C GLY A 305 -18.64 -11.41 -16.99
N VAL A 306 -18.39 -11.80 -18.23
CA VAL A 306 -17.30 -11.21 -19.00
C VAL A 306 -17.42 -9.69 -19.08
N ALA A 307 -16.32 -9.01 -18.78
CA ALA A 307 -16.28 -7.57 -18.82
C ALA A 307 -16.52 -7.10 -20.25
N GLY A 308 -17.03 -5.89 -20.40
CA GLY A 308 -17.26 -5.36 -21.72
C GLY A 308 -16.08 -4.52 -22.14
N GLU A 309 -16.29 -3.62 -23.10
CA GLU A 309 -15.23 -2.75 -23.55
C GLU A 309 -15.12 -1.54 -22.64
N PRO A 310 -13.92 -0.98 -22.52
CA PRO A 310 -13.66 0.19 -21.67
C PRO A 310 -14.61 1.36 -21.92
N LEU A 311 -15.23 1.85 -20.85
CA LEU A 311 -16.14 3.00 -20.97
C LEU A 311 -15.26 4.24 -21.10
N PRO A 312 -15.76 5.29 -21.77
CA PRO A 312 -14.97 6.52 -21.93
C PRO A 312 -14.74 7.26 -20.61
N VAL A 313 -13.50 7.64 -20.35
CA VAL A 313 -13.14 8.36 -19.12
C VAL A 313 -12.22 9.55 -19.36
N ASP A 314 -12.61 10.74 -18.90
CA ASP A 314 -11.75 11.90 -19.07
C ASP A 314 -11.51 12.66 -17.78
N SER A 315 -11.82 12.02 -16.66
CA SER A 315 -11.61 12.61 -15.36
C SER A 315 -11.90 11.58 -14.29
N GLU A 316 -11.38 11.82 -13.10
CA GLU A 316 -11.57 10.91 -11.98
C GLU A 316 -13.06 10.86 -11.66
N LYS A 317 -13.71 12.03 -11.73
CA LYS A 317 -15.13 12.15 -11.44
C LYS A 317 -15.94 11.23 -12.35
N ASP A 318 -15.58 11.17 -13.63
CA ASP A 318 -16.30 10.33 -14.57
C ASP A 318 -16.42 8.94 -14.00
N ILE A 319 -15.35 8.46 -13.37
CA ILE A 319 -15.34 7.13 -12.80
C ILE A 319 -16.35 7.04 -11.66
N PHE A 320 -16.38 8.06 -10.80
CA PHE A 320 -17.32 8.09 -9.70
C PHE A 320 -18.76 8.14 -10.21
N ASP A 321 -18.99 8.91 -11.27
CA ASP A 321 -20.32 9.03 -11.87
C ASP A 321 -20.91 7.70 -12.37
N TYR A 322 -20.11 6.94 -13.12
CA TYR A 322 -20.56 5.67 -13.67
C TYR A 322 -21.15 4.75 -12.60
N ILE A 323 -20.50 4.70 -11.45
CA ILE A 323 -20.95 3.85 -10.38
C ILE A 323 -21.98 4.56 -9.49
N GLN A 324 -22.20 5.84 -9.75
CA GLN A 324 -23.18 6.63 -9.01
C GLN A 324 -22.75 6.94 -7.58
N TRP A 325 -21.50 7.36 -7.46
CA TRP A 325 -20.88 7.72 -6.18
C TRP A 325 -20.51 9.18 -6.32
N LYS A 326 -20.87 9.99 -5.33
CA LYS A 326 -20.51 11.42 -5.41
C LYS A 326 -19.00 11.48 -5.28
N TYR A 327 -18.39 12.31 -6.12
CA TYR A 327 -16.94 12.46 -6.13
C TYR A 327 -16.33 12.70 -4.75
N ARG A 328 -15.16 12.11 -4.52
CA ARG A 328 -14.46 12.29 -3.26
C ARG A 328 -13.03 12.71 -3.53
N GLU A 329 -12.67 13.89 -3.06
CA GLU A 329 -11.33 14.41 -3.25
C GLU A 329 -10.34 13.43 -2.63
N PRO A 330 -9.08 13.47 -3.08
CA PRO A 330 -8.04 12.57 -2.57
C PRO A 330 -7.97 12.54 -1.04
N LYS A 331 -8.09 13.70 -0.41
CA LYS A 331 -7.99 13.76 1.03
C LYS A 331 -9.07 12.93 1.73
N ASP A 332 -10.19 12.70 1.08
CA ASP A 332 -11.25 11.92 1.72
C ASP A 332 -11.28 10.44 1.35
N ARG A 333 -10.21 9.94 0.75
CA ARG A 333 -10.12 8.54 0.34
C ARG A 333 -9.22 7.74 1.27
N SER A 334 -8.88 8.33 2.41
CA SER A 334 -8.03 7.69 3.40
C SER A 334 -8.77 6.74 4.34
N GLU A 335 -9.21 5.62 3.79
CA GLU A 335 -9.92 4.62 4.57
C GLU A 335 -8.91 3.54 4.93
O4 DUP E . -3.26 -3.74 -1.87
C4 DUP E . -3.07 -2.68 -2.46
C5 DUP E . -1.96 -1.81 -2.25
C6 DUP E . -1.95 -0.61 -2.83
N3 DUP E . -4.03 -2.20 -3.30
C2 DUP E . -4.06 -0.98 -3.91
O2 DUP E . -4.98 -0.65 -4.64
N1 DUP E . -2.97 -0.16 -3.63
C1' DUP E . -2.94 1.20 -4.20
C2' DUP E . -3.64 2.22 -3.29
C3' DUP E . -2.46 2.78 -2.50
O3' DUP E . -2.73 4.10 -2.01
O4' DUP E . -1.59 1.62 -4.33
C4' DUP E . -1.38 2.83 -3.56
C5' DUP E . 0.05 2.90 -3.06
O5' DUP E . 0.38 1.73 -2.31
PA DUP E . 1.08 1.82 -0.88
O1A DUP E . 1.21 0.41 -0.45
O2A DUP E . 2.32 2.61 -1.10
N3A DUP E . 0.08 2.63 0.12
PB DUP E . -0.16 4.21 0.47
O1B DUP E . -1.62 4.52 0.38
O2B DUP E . 0.79 5.07 -0.27
O3B DUP E . 0.16 4.37 1.94
PG DUP E . 1.52 4.47 2.58
O2G DUP E . 1.74 5.86 3.02
O1G DUP E . 1.60 3.39 3.60
O3G DUP E . 2.56 4.18 1.57
MG MG F . 2.60 4.68 -0.46
MG MG G . 4.15 1.96 -2.46
NA NA H . 7.41 -8.40 4.95
NA NA I . -22.48 -4.79 11.09
CL CL J . -8.20 -3.47 -18.69
CL CL K . -9.70 -16.57 5.24
#